data_1GJ7
#
_entry.id   1GJ7
#
_cell.length_a   82.25
_cell.length_b   49.56
_cell.length_c   66.16
_cell.angle_alpha   90.0
_cell.angle_beta   113.18
_cell.angle_gamma   90.0
#
_symmetry.space_group_name_H-M   'C 1 2 1'
#
loop_
_entity.id
_entity.type
_entity.pdbx_description
1 polymer 'UROKINASE-TYPE PLASMINOGEN ACTIVATOR'
2 polymer 'UROKINASE-TYPE PLASMINOGEN ACTIVATOR'
3 non-polymer 'CITRIC ACID'
4 non-polymer 6-CHLORO-2-(2-HYDROXY-BIPHENYL-3-YL)-1H-INDOLE-5-CARBOXAMIDINE
5 water water
#
loop_
_entity_poly.entity_id
_entity_poly.type
_entity_poly.pdbx_seq_one_letter_code
_entity_poly.pdbx_strand_id
1 'polypeptide(L)' KPSSPPEELKFQCGQKTLRPRFK A
2 'polypeptide(L)'
;IIGGEFTTIENQPWFAAIYRRHRGGSVTYVCGGSLMSPCWVISATHCFIDYPKKEDYIVYLGRSRLNSNTQGEMKFEVEN
LILHKDYSADTLAHHNDIALLKIRSKEGRCAQPSRTIQTICLPSMYNDPQFGTSCEITGFGKEASTDYLYPEQLKMTVVK
LISHRECQQPHYYGSEVTTKMLCAADPQWKTDSCQGDSGGPLVCSLQGRMTLTGIVSWGRGCALKDKPGVYTRVSHFLPW
IRSHTKEENGLAL
;
B
#
# COMPACT_ATOMS: atom_id res chain seq x y z
N LEU A 9 -15.36 18.36 -1.47
CA LEU A 9 -16.85 18.32 -1.46
C LEU A 9 -17.22 16.88 -1.10
N LYS A 10 -17.22 16.00 -2.06
CA LYS A 10 -17.55 14.56 -1.85
C LYS A 10 -16.38 13.82 -2.51
N PHE A 11 -16.28 12.55 -2.23
CA PHE A 11 -15.20 11.74 -2.82
C PHE A 11 -15.41 11.47 -4.32
N GLN A 12 -14.30 11.49 -5.02
CA GLN A 12 -14.22 11.25 -6.47
C GLN A 12 -12.93 10.46 -6.46
N CYS A 13 -13.06 9.17 -6.44
CA CYS A 13 -11.86 8.30 -6.40
C CYS A 13 -10.83 8.66 -7.45
N GLY A 14 -9.59 8.49 -7.08
CA GLY A 14 -8.49 8.78 -8.02
C GLY A 14 -8.23 10.23 -8.35
N GLN A 15 -8.97 11.15 -7.79
CA GLN A 15 -8.71 12.59 -8.14
C GLN A 15 -7.80 13.32 -7.13
N LYS A 16 -6.79 13.96 -7.61
CA LYS A 16 -5.86 14.71 -6.69
C LYS A 16 -6.35 16.16 -6.95
N THR A 17 -6.16 17.06 -6.04
CA THR A 17 -6.61 18.45 -6.24
C THR A 17 -5.48 19.37 -5.72
N LEU A 18 -4.77 19.94 -6.65
CA LEU A 18 -3.64 20.86 -6.36
C LEU A 18 -3.75 21.90 -7.50
N ILE B 1 11.08 3.97 0.39
CA ILE B 1 11.27 4.02 -1.07
C ILE B 1 12.74 4.35 -1.27
N ILE B 2 13.34 3.66 -2.18
CA ILE B 2 14.78 3.86 -2.50
C ILE B 2 14.69 4.85 -3.70
N GLY B 3 15.37 5.95 -3.65
CA GLY B 3 15.31 6.90 -4.77
C GLY B 3 13.99 7.60 -4.63
N GLY B 4 13.45 8.04 -5.71
CA GLY B 4 12.15 8.71 -5.63
C GLY B 4 12.35 10.14 -5.21
N GLU B 5 11.25 10.79 -4.91
CA GLU B 5 11.28 12.21 -4.49
C GLU B 5 10.47 12.30 -3.22
N PHE B 6 10.61 13.40 -2.54
CA PHE B 6 9.84 13.59 -1.29
C PHE B 6 8.57 14.27 -1.82
N THR B 7 7.42 14.00 -1.25
CA THR B 7 6.16 14.62 -1.72
C THR B 7 5.33 15.04 -0.48
N THR B 8 4.09 15.35 -0.70
CA THR B 8 3.13 15.77 0.36
C THR B 8 1.91 14.92 0.01
N ILE B 9 1.10 14.73 1.02
CA ILE B 9 -0.12 13.93 0.87
C ILE B 9 -1.04 14.47 -0.22
N GLU B 10 -1.00 15.74 -0.54
CA GLU B 10 -1.93 16.23 -1.62
C GLU B 10 -1.68 15.45 -2.91
N ASN B 11 -0.48 14.96 -3.06
CA ASN B 11 -0.11 14.18 -4.29
C ASN B 11 -0.52 12.71 -4.20
N GLN B 12 -0.96 12.28 -3.05
CA GLN B 12 -1.41 10.86 -2.82
C GLN B 12 -2.53 10.83 -1.79
N PRO B 13 -3.58 11.54 -2.01
CA PRO B 13 -4.52 11.81 -0.89
C PRO B 13 -5.25 10.57 -0.34
N TRP B 14 -5.07 9.47 -1.02
CA TRP B 14 -5.73 8.18 -0.56
C TRP B 14 -4.74 7.36 0.27
N PHE B 15 -3.57 7.89 0.55
CA PHE B 15 -2.59 7.10 1.35
C PHE B 15 -2.91 7.21 2.86
N ALA B 16 -2.89 6.05 3.47
CA ALA B 16 -3.17 5.87 4.91
C ALA B 16 -1.91 5.32 5.57
N ALA B 17 -1.61 5.89 6.71
CA ALA B 17 -0.43 5.52 7.54
C ALA B 17 -0.98 4.78 8.78
N ILE B 18 -0.49 3.59 8.98
CA ILE B 18 -0.92 2.73 10.11
C ILE B 18 0.22 2.60 11.11
N TYR B 19 -0.14 2.84 12.34
CA TYR B 19 0.83 2.78 13.46
C TYR B 19 0.33 1.82 14.53
N ARG B 20 1.21 1.43 15.41
CA ARG B 20 0.83 0.51 16.51
C ARG B 20 1.27 1.21 17.79
N ARG B 21 0.46 1.06 18.80
CA ARG B 21 0.71 1.66 20.13
C ARG B 21 1.40 0.58 20.95
N HIS B 22 2.22 1.00 21.85
CA HIS B 22 2.96 0.03 22.70
C HIS B 22 2.60 0.43 24.12
N ARG B 23 2.58 -0.54 24.99
CA ARG B 23 2.24 -0.21 26.40
C ARG B 23 3.62 0.39 26.71
N GLY B 24 3.65 1.56 27.27
CA GLY B 24 4.96 2.21 27.57
C GLY B 24 4.90 3.66 27.04
N GLY B 25 4.13 3.90 25.99
CA GLY B 25 4.03 5.31 25.47
C GLY B 25 4.35 5.54 23.99
N SER B 26 5.18 4.71 23.40
CA SER B 26 5.50 4.93 21.97
C SER B 26 4.51 4.33 21.06
N VAL B 27 4.64 4.91 19.91
CA VAL B 27 3.78 4.59 18.82
C VAL B 27 4.78 4.34 17.73
N THR B 28 4.65 3.29 16.99
CA THR B 28 5.62 3.02 15.91
C THR B 28 4.87 2.84 14.59
N TYR B 29 5.52 3.15 13.53
CA TYR B 29 4.87 2.99 12.21
C TYR B 29 4.86 1.52 11.88
N VAL B 30 3.82 1.08 11.23
CA VAL B 30 3.73 -0.35 10.86
C VAL B 30 3.72 -0.48 9.30
N CYS B 31 2.69 0.02 8.66
CA CYS B 31 2.60 -0.08 7.18
C CYS B 31 1.74 1.01 6.60
N GLY B 32 1.74 1.01 5.32
CA GLY B 32 0.95 1.99 4.55
C GLY B 32 -0.32 1.27 4.20
N GLY B 33 -1.24 1.98 3.61
CA GLY B 33 -2.56 1.42 3.18
C GLY B 33 -3.20 2.41 2.22
N SER B 34 -4.37 2.11 1.77
CA SER B 34 -5.08 3.03 0.83
C SER B 34 -6.55 3.16 1.22
N LEU B 35 -7.17 4.29 1.03
CA LEU B 35 -8.62 4.51 1.40
C LEU B 35 -9.43 4.08 0.13
N MET B 36 -10.27 3.07 0.26
CA MET B 36 -11.08 2.57 -0.89
C MET B 36 -12.44 3.19 -0.91
N SER B 37 -12.93 3.44 0.25
CA SER B 37 -14.25 4.08 0.45
C SER B 37 -14.09 4.82 1.80
N PRO B 38 -15.03 5.63 2.16
CA PRO B 38 -14.98 6.41 3.43
C PRO B 38 -14.60 5.65 4.72
N CYS B 39 -15.10 4.45 4.84
CA CYS B 39 -14.81 3.66 6.06
C CYS B 39 -13.87 2.50 5.85
N TRP B 40 -13.35 2.31 4.67
CA TRP B 40 -12.42 1.15 4.51
C TRP B 40 -11.07 1.50 3.91
N VAL B 41 -10.07 0.91 4.51
CA VAL B 41 -8.66 1.09 4.09
C VAL B 41 -8.16 -0.35 3.74
N ILE B 42 -7.41 -0.50 2.68
CA ILE B 42 -6.90 -1.84 2.30
C ILE B 42 -5.38 -1.75 2.49
N SER B 43 -4.84 -2.83 2.94
CA SER B 43 -3.37 -2.95 3.19
C SER B 43 -3.02 -4.45 2.94
N ALA B 44 -1.99 -4.88 3.59
CA ALA B 44 -1.48 -6.28 3.48
C ALA B 44 -1.60 -7.04 4.80
N THR B 45 -2.02 -8.29 4.74
CA THR B 45 -2.17 -9.13 5.99
C THR B 45 -0.84 -9.30 6.76
N HIS B 46 0.25 -9.47 6.06
CA HIS B 46 1.53 -9.64 6.77
C HIS B 46 1.90 -8.47 7.68
N CYS B 47 1.22 -7.39 7.55
CA CYS B 47 1.53 -6.22 8.42
C CYS B 47 0.91 -6.45 9.81
N PHE B 48 -0.14 -7.24 9.84
CA PHE B 48 -0.89 -7.54 11.11
C PHE B 48 -0.77 -8.93 11.69
N ILE B 49 -0.49 -9.86 10.83
CA ILE B 49 -0.33 -11.29 11.23
C ILE B 49 0.33 -11.59 12.56
N ASP B 50 1.40 -10.92 12.85
CA ASP B 50 2.08 -11.21 14.14
C ASP B 50 1.50 -10.51 15.36
N TYR B 51 0.54 -9.65 15.17
CA TYR B 51 -0.05 -8.95 16.32
C TYR B 51 -1.47 -8.55 15.91
N PRO B 52 -2.35 -9.48 15.65
CA PRO B 52 -3.70 -9.12 15.15
C PRO B 52 -4.66 -8.53 16.21
N LYS B 53 -4.17 -7.68 17.07
CA LYS B 53 -5.03 -7.06 18.13
C LYS B 53 -5.44 -5.66 17.62
N LYS B 54 -6.55 -5.58 16.95
CA LYS B 54 -7.05 -4.28 16.39
C LYS B 54 -7.03 -3.07 17.31
N GLU B 55 -7.36 -3.28 18.55
CA GLU B 55 -7.38 -2.13 19.51
C GLU B 55 -6.04 -1.41 19.65
N ASP B 56 -4.99 -2.05 19.23
CA ASP B 56 -3.66 -1.40 19.36
C ASP B 56 -3.21 -0.66 18.13
N TYR B 57 -3.99 -0.60 17.08
CA TYR B 57 -3.50 0.15 15.88
C TYR B 57 -4.23 1.48 15.72
N ILE B 58 -3.55 2.41 15.11
CA ILE B 58 -4.13 3.76 14.86
C ILE B 58 -3.92 4.02 13.36
N VAL B 59 -4.90 4.60 12.73
CA VAL B 59 -4.81 4.92 11.28
C VAL B 59 -4.94 6.46 11.09
N TYR B 60 -4.07 7.03 10.30
CA TYR B 60 -4.13 8.48 10.05
C TYR B 60 -4.22 8.65 8.52
N LEU B 61 -5.01 9.61 8.18
CA LEU B 61 -5.27 9.99 6.75
C LEU B 61 -4.84 11.49 6.74
N GLY B 62 -4.41 11.97 5.62
CA GLY B 62 -3.97 13.37 5.41
C GLY B 62 -2.67 13.65 6.08
N ARG B 63 -1.80 12.68 6.12
CA ARG B 63 -0.48 12.85 6.78
C ARG B 63 0.71 12.91 5.81
N SER B 64 1.49 13.98 5.86
CA SER B 64 2.68 14.09 4.96
C SER B 64 3.94 13.70 5.73
N ARG B 65 3.90 13.70 7.04
CA ARG B 65 5.12 13.33 7.82
C ARG B 65 4.77 12.14 8.70
N LEU B 66 5.81 11.46 9.06
CA LEU B 66 5.69 10.25 9.90
C LEU B 66 5.39 10.42 11.39
N ASN B 67 6.17 11.23 12.06
CA ASN B 67 5.96 11.45 13.53
C ASN B 67 5.59 12.86 13.94
N SER B 68 5.35 13.72 12.99
CA SER B 68 4.98 15.12 13.34
C SER B 68 3.59 15.24 12.72
N ASN B 69 2.83 16.22 13.11
CA ASN B 69 1.46 16.34 12.54
C ASN B 69 1.43 17.17 11.27
N THR B 70 0.39 16.95 10.52
CA THR B 70 0.12 17.63 9.24
C THR B 70 -1.24 18.25 9.54
N GLN B 71 -1.45 19.46 9.13
CA GLN B 71 -2.76 20.09 9.43
C GLN B 71 -3.79 19.44 8.45
N GLY B 72 -4.94 19.11 8.96
CA GLY B 72 -5.98 18.50 8.10
C GLY B 72 -6.03 17.00 8.33
N GLU B 73 -5.03 16.45 8.96
CA GLU B 73 -5.04 14.96 9.19
C GLU B 73 -6.25 14.49 10.02
N MET B 74 -6.58 13.21 9.91
CA MET B 74 -7.71 12.61 10.67
C MET B 74 -7.12 11.34 11.28
N LYS B 75 -7.48 11.07 12.50
CA LYS B 75 -7.00 9.90 13.29
C LYS B 75 -8.19 8.94 13.43
N PHE B 76 -7.95 7.67 13.25
CA PHE B 76 -9.02 6.65 13.37
C PHE B 76 -8.56 5.45 14.16
N GLU B 77 -9.57 4.76 14.57
CA GLU B 77 -9.42 3.52 15.36
C GLU B 77 -9.81 2.47 14.33
N VAL B 78 -9.44 1.25 14.60
CA VAL B 78 -9.75 0.12 13.69
C VAL B 78 -10.99 -0.57 14.32
N GLU B 79 -12.09 -0.44 13.65
CA GLU B 79 -13.39 -1.05 14.08
C GLU B 79 -13.35 -2.53 13.69
N ASN B 80 -12.85 -2.82 12.51
CA ASN B 80 -12.77 -4.24 12.07
C ASN B 80 -11.41 -4.39 11.39
N LEU B 81 -10.80 -5.51 11.58
CA LEU B 81 -9.48 -5.81 10.98
C LEU B 81 -9.76 -7.15 10.29
N ILE B 82 -9.78 -7.18 8.99
CA ILE B 82 -10.06 -8.45 8.25
C ILE B 82 -8.80 -8.89 7.52
N LEU B 83 -8.31 -10.03 7.92
CA LEU B 83 -7.08 -10.58 7.29
C LEU B 83 -7.64 -11.60 6.27
N HIS B 84 -6.82 -12.05 5.35
CA HIS B 84 -7.35 -13.02 4.34
C HIS B 84 -7.19 -14.43 4.88
N LYS B 85 -8.18 -15.20 4.54
CA LYS B 85 -8.20 -16.62 4.96
C LYS B 85 -7.52 -17.17 3.72
N ASP B 86 -6.45 -17.83 3.85
CA ASP B 86 -5.57 -18.48 2.90
C ASP B 86 -4.27 -17.72 2.83
N TYR B 87 -4.03 -16.84 3.75
CA TYR B 87 -2.75 -16.05 3.69
C TYR B 87 -1.61 -17.02 4.05
N SER B 88 -0.54 -17.02 3.32
CA SER B 88 0.59 -17.93 3.63
C SER B 88 1.88 -17.25 3.21
N ALA B 89 2.95 -17.59 3.83
CA ALA B 89 4.24 -16.99 3.46
C ALA B 89 5.15 -18.18 3.41
N ASP B 90 6.12 -18.11 2.57
CA ASP B 90 7.11 -19.22 2.41
C ASP B 90 8.44 -18.54 2.59
N THR B 91 9.41 -19.06 1.95
CA THR B 91 10.74 -18.48 2.04
C THR B 91 10.73 -17.41 0.91
N LEU B 92 10.07 -16.30 1.19
CA LEU B 92 9.92 -15.10 0.28
C LEU B 92 8.53 -14.59 0.01
N ALA B 93 7.80 -15.39 -0.71
CA ALA B 93 6.43 -14.93 -1.03
C ALA B 93 5.43 -15.05 0.07
N HIS B 94 4.48 -14.19 -0.08
CA HIS B 94 3.32 -14.06 0.83
C HIS B 94 2.24 -14.26 -0.21
N HIS B 95 1.30 -15.09 0.07
CA HIS B 95 0.21 -15.37 -0.88
C HIS B 95 -0.99 -14.76 -0.18
N ASN B 96 -1.91 -14.28 -0.97
CA ASN B 96 -3.18 -13.63 -0.49
C ASN B 96 -2.83 -12.60 0.58
N ASP B 97 -1.93 -11.74 0.20
CA ASP B 97 -1.47 -10.69 1.17
C ASP B 97 -2.25 -9.40 1.00
N ILE B 98 -3.45 -9.43 1.48
CA ILE B 98 -4.33 -8.26 1.41
C ILE B 98 -5.10 -8.26 2.74
N ALA B 99 -5.47 -7.11 3.21
CA ALA B 99 -6.22 -6.99 4.51
C ALA B 99 -7.07 -5.75 4.40
N LEU B 100 -8.12 -5.74 5.16
CA LEU B 100 -9.07 -4.58 5.18
C LEU B 100 -9.16 -4.07 6.61
N LEU B 101 -9.30 -2.79 6.76
CA LEU B 101 -9.41 -2.19 8.11
C LEU B 101 -10.60 -1.25 8.00
N LYS B 102 -11.55 -1.45 8.86
CA LYS B 102 -12.74 -0.58 8.84
C LYS B 102 -12.31 0.44 9.91
N ILE B 103 -12.39 1.69 9.58
CA ILE B 103 -11.98 2.76 10.53
C ILE B 103 -13.14 3.54 11.12
N ARG B 104 -12.93 4.08 12.30
CA ARG B 104 -13.98 4.88 12.97
C ARG B 104 -13.22 5.95 13.76
N SER B 105 -13.66 7.17 13.72
CA SER B 105 -12.97 8.27 14.45
C SER B 105 -13.55 8.21 15.88
N LYS B 106 -12.97 8.96 16.78
CA LYS B 106 -13.51 8.91 18.18
C LYS B 106 -14.89 9.55 18.26
N GLU B 107 -15.29 10.16 17.18
CA GLU B 107 -16.63 10.82 17.16
C GLU B 107 -17.61 9.92 16.41
N GLY B 108 -17.15 8.78 15.93
CA GLY B 108 -18.05 7.85 15.21
C GLY B 108 -18.15 8.08 13.72
N ARG B 109 -17.22 8.76 13.15
CA ARG B 109 -17.34 8.99 11.69
C ARG B 109 -16.20 8.35 10.93
N CYS B 110 -16.41 8.25 9.67
CA CYS B 110 -15.41 7.65 8.76
C CYS B 110 -14.69 8.86 8.16
N ALA B 111 -13.89 8.61 7.14
CA ALA B 111 -13.13 9.70 6.47
C ALA B 111 -14.08 10.71 5.81
N GLN B 112 -13.61 11.92 5.72
CA GLN B 112 -14.37 13.06 5.11
C GLN B 112 -13.44 13.61 4.01
N PRO B 113 -13.96 14.01 2.88
CA PRO B 113 -13.09 14.34 1.70
C PRO B 113 -12.44 15.73 1.87
N SER B 114 -11.20 15.91 1.51
CA SER B 114 -10.57 17.24 1.66
C SER B 114 -9.50 17.27 0.57
N ARG B 115 -8.64 18.25 0.57
CA ARG B 115 -7.59 18.28 -0.50
C ARG B 115 -6.49 17.30 -0.12
N THR B 116 -6.56 16.77 1.07
CA THR B 116 -5.52 15.80 1.51
C THR B 116 -6.11 14.41 1.76
N ILE B 117 -7.41 14.26 1.63
CA ILE B 117 -8.05 12.92 1.87
C ILE B 117 -9.00 12.63 0.70
N GLN B 118 -8.66 11.61 -0.06
CA GLN B 118 -9.49 11.18 -1.26
C GLN B 118 -9.47 9.65 -1.34
N THR B 119 -10.39 9.05 -2.03
CA THR B 119 -10.38 7.55 -2.12
C THR B 119 -9.63 7.21 -3.41
N ILE B 120 -9.20 6.00 -3.57
CA ILE B 120 -8.49 5.63 -4.83
C ILE B 120 -9.52 4.66 -5.52
N CYS B 121 -9.49 4.53 -6.81
CA CYS B 121 -10.46 3.63 -7.52
C CYS B 121 -9.99 2.18 -7.60
N LEU B 122 -10.96 1.31 -7.64
CA LEU B 122 -10.67 -0.16 -7.72
C LEU B 122 -10.75 -0.51 -9.19
N PRO B 123 -9.96 -1.46 -9.62
CA PRO B 123 -10.02 -1.95 -11.01
C PRO B 123 -11.27 -2.81 -11.20
N SER B 124 -11.52 -3.15 -12.43
CA SER B 124 -12.72 -3.99 -12.71
C SER B 124 -12.10 -5.40 -12.64
N MET B 125 -12.97 -6.35 -12.46
CA MET B 125 -12.62 -7.79 -12.37
C MET B 125 -11.47 -8.18 -13.29
N TYR B 126 -10.44 -8.73 -12.71
CA TYR B 126 -9.21 -9.18 -13.44
C TYR B 126 -8.76 -8.25 -14.55
N ASN B 127 -8.97 -6.97 -14.40
CA ASN B 127 -8.56 -6.00 -15.45
C ASN B 127 -7.32 -5.28 -14.89
N ASP B 128 -6.23 -5.36 -15.60
CA ASP B 128 -4.91 -4.75 -15.22
C ASP B 128 -4.38 -3.94 -16.37
N PRO B 129 -3.51 -2.99 -16.09
CA PRO B 129 -2.75 -2.29 -17.17
C PRO B 129 -1.81 -3.31 -17.86
N GLN B 130 -1.32 -3.00 -19.05
CA GLN B 130 -0.41 -3.95 -19.75
C GLN B 130 0.99 -3.77 -19.19
N PHE B 131 1.83 -4.78 -19.32
CA PHE B 131 3.18 -4.62 -18.78
C PHE B 131 3.77 -3.44 -19.56
N GLY B 132 4.68 -2.75 -18.94
CA GLY B 132 5.29 -1.58 -19.62
C GLY B 132 4.72 -0.36 -18.90
N THR B 133 3.46 -0.38 -18.55
CA THR B 133 2.85 0.78 -17.84
C THR B 133 3.67 1.29 -16.62
N SER B 134 3.76 2.60 -16.47
CA SER B 134 4.52 3.20 -15.34
C SER B 134 3.44 3.46 -14.30
N CYS B 135 3.73 3.07 -13.08
CA CYS B 135 2.77 3.25 -11.96
C CYS B 135 3.61 3.92 -10.87
N GLU B 136 2.96 4.44 -9.88
CA GLU B 136 3.73 5.10 -8.79
C GLU B 136 3.51 4.36 -7.51
N ILE B 137 4.47 4.45 -6.63
CA ILE B 137 4.36 3.77 -5.32
C ILE B 137 4.73 4.92 -4.37
N THR B 138 4.13 4.90 -3.23
CA THR B 138 4.37 5.94 -2.21
C THR B 138 4.45 5.34 -0.81
N GLY B 139 5.17 5.98 0.07
CA GLY B 139 5.26 5.43 1.45
C GLY B 139 6.38 6.08 2.26
N PHE B 140 6.44 5.63 3.47
CA PHE B 140 7.42 6.08 4.50
C PHE B 140 8.44 4.98 4.76
N GLY B 141 8.56 4.03 3.87
CA GLY B 141 9.54 2.92 4.09
C GLY B 141 10.98 3.36 3.93
N LYS B 142 11.85 2.45 4.22
CA LYS B 142 13.32 2.71 4.14
C LYS B 142 13.79 3.31 2.81
N GLU B 143 14.80 4.10 2.96
CA GLU B 143 15.48 4.80 1.83
C GLU B 143 16.74 4.02 1.39
N ALA B 144 17.20 3.09 2.21
CA ALA B 144 18.40 2.25 1.89
C ALA B 144 18.12 0.95 2.63
N SER B 145 18.42 -0.19 2.07
CA SER B 145 18.13 -1.47 2.79
C SER B 145 18.89 -1.54 4.15
N THR B 146 19.96 -0.79 4.29
CA THR B 146 20.75 -0.81 5.55
C THR B 146 20.26 0.18 6.62
N ASP B 147 19.34 1.04 6.25
CA ASP B 147 18.85 2.00 7.28
C ASP B 147 18.05 1.25 8.34
N TYR B 148 17.94 1.75 9.56
CA TYR B 148 17.13 1.04 10.58
C TYR B 148 16.01 1.98 11.07
N LEU B 149 15.90 3.13 10.40
CA LEU B 149 14.86 4.18 10.70
C LEU B 149 14.12 4.47 9.39
N TYR B 150 12.96 5.06 9.53
CA TYR B 150 12.09 5.44 8.38
C TYR B 150 12.22 6.97 8.20
N PRO B 151 12.12 7.46 6.99
CA PRO B 151 12.14 8.92 6.71
C PRO B 151 10.95 9.57 7.38
N GLU B 152 11.07 10.85 7.61
CA GLU B 152 9.97 11.60 8.26
C GLU B 152 9.07 12.18 7.19
N GLN B 153 9.59 12.32 6.00
CA GLN B 153 8.78 12.89 4.90
C GLN B 153 8.34 11.78 3.96
N LEU B 154 7.15 11.93 3.47
CA LEU B 154 6.57 10.94 2.53
C LEU B 154 7.35 10.95 1.21
N LYS B 155 7.52 9.82 0.59
CA LYS B 155 8.26 9.74 -0.70
C LYS B 155 7.34 9.00 -1.69
N MET B 156 7.71 9.17 -2.92
CA MET B 156 6.99 8.56 -4.05
C MET B 156 8.03 8.28 -5.12
N THR B 157 7.76 7.35 -6.01
CA THR B 157 8.69 7.02 -7.12
C THR B 157 7.78 6.38 -8.19
N VAL B 158 8.37 6.12 -9.34
CA VAL B 158 7.65 5.50 -10.47
C VAL B 158 8.43 4.25 -10.83
N VAL B 159 7.65 3.24 -11.09
CA VAL B 159 8.22 1.92 -11.45
C VAL B 159 7.38 1.41 -12.65
N LYS B 160 7.84 0.40 -13.32
CA LYS B 160 7.06 -0.12 -14.46
C LYS B 160 6.61 -1.53 -14.16
N LEU B 161 5.48 -1.85 -14.68
CA LEU B 161 4.94 -3.23 -14.47
C LEU B 161 5.74 -4.13 -15.44
N ILE B 162 6.08 -5.32 -15.02
CA ILE B 162 6.84 -6.23 -15.91
C ILE B 162 5.92 -7.45 -16.08
N SER B 163 6.17 -8.25 -17.09
CA SER B 163 5.30 -9.45 -17.33
C SER B 163 5.61 -10.58 -16.36
N HIS B 164 4.73 -11.54 -16.26
CA HIS B 164 4.96 -12.68 -15.35
C HIS B 164 6.06 -13.48 -15.99
N ARG B 165 6.09 -13.59 -17.28
CA ARG B 165 7.19 -14.37 -17.93
C ARG B 165 8.55 -13.88 -17.47
N GLU B 166 8.72 -12.58 -17.46
CA GLU B 166 9.99 -11.97 -17.03
C GLU B 166 10.24 -12.20 -15.55
N CYS B 167 9.22 -12.04 -14.78
CA CYS B 167 9.40 -12.23 -13.32
C CYS B 167 9.60 -13.68 -12.87
N GLN B 168 8.99 -14.58 -13.58
CA GLN B 168 9.11 -16.02 -13.21
C GLN B 168 10.32 -16.62 -13.87
N GLN B 169 11.24 -15.79 -14.29
CA GLN B 169 12.44 -16.39 -14.93
C GLN B 169 13.15 -16.98 -13.71
N PRO B 170 13.77 -18.11 -13.86
CA PRO B 170 14.46 -18.77 -12.74
C PRO B 170 15.37 -17.84 -11.96
N HIS B 171 16.00 -16.98 -12.68
CA HIS B 171 16.93 -16.04 -12.00
C HIS B 171 16.33 -14.75 -11.44
N TYR B 172 15.04 -14.74 -11.35
CA TYR B 172 14.28 -13.57 -10.80
C TYR B 172 13.60 -14.30 -9.64
N TYR B 173 12.34 -14.65 -9.76
CA TYR B 173 11.66 -15.37 -8.64
C TYR B 173 11.12 -16.74 -9.02
N GLY B 174 11.24 -17.13 -10.25
CA GLY B 174 10.72 -18.48 -10.63
C GLY B 174 9.23 -18.64 -10.34
N SER B 175 8.87 -19.80 -9.84
CA SER B 175 7.45 -20.13 -9.51
C SER B 175 6.90 -19.51 -8.21
N GLU B 176 7.73 -18.74 -7.56
CA GLU B 176 7.27 -18.10 -6.28
C GLU B 176 6.24 -17.03 -6.61
N VAL B 177 6.31 -16.51 -7.81
CA VAL B 177 5.33 -15.47 -8.21
C VAL B 177 4.16 -16.19 -8.89
N THR B 178 2.97 -15.91 -8.46
CA THR B 178 1.80 -16.56 -9.07
C THR B 178 0.99 -15.53 -9.86
N THR B 179 -0.11 -16.00 -10.34
CA THR B 179 -1.08 -15.23 -11.14
C THR B 179 -1.85 -14.19 -10.28
N LYS B 180 -1.75 -14.31 -8.99
CA LYS B 180 -2.45 -13.36 -8.07
C LYS B 180 -1.45 -12.27 -7.58
N MET B 181 -0.33 -12.19 -8.25
CA MET B 181 0.74 -11.21 -7.94
C MET B 181 1.08 -10.46 -9.23
N LEU B 182 1.77 -9.37 -9.07
CA LEU B 182 2.22 -8.47 -10.17
C LEU B 182 3.63 -8.08 -9.76
N CYS B 183 4.48 -7.88 -10.72
CA CYS B 183 5.89 -7.49 -10.44
C CYS B 183 6.09 -6.15 -11.07
N ALA B 184 6.85 -5.33 -10.43
CA ALA B 184 7.11 -3.98 -10.99
C ALA B 184 8.54 -3.65 -10.63
N ALA B 185 9.27 -3.02 -11.50
CA ALA B 185 10.69 -2.65 -11.19
C ALA B 185 11.08 -1.42 -11.99
N ASP B 186 12.25 -0.95 -11.69
CA ASP B 186 12.77 0.25 -12.39
C ASP B 186 13.68 -0.37 -13.42
N PRO B 187 13.55 -0.03 -14.68
CA PRO B 187 14.47 -0.51 -15.75
C PRO B 187 15.94 -0.54 -15.35
N GLN B 188 16.32 0.42 -14.56
CA GLN B 188 17.75 0.47 -14.15
C GLN B 188 18.00 0.01 -12.71
N TRP B 189 17.01 -0.63 -12.14
CA TRP B 189 17.05 -1.17 -10.73
C TRP B 189 17.61 -0.10 -9.75
N LYS B 190 17.16 1.10 -9.97
CA LYS B 190 17.59 2.27 -9.15
C LYS B 190 16.62 2.69 -8.08
N THR B 191 15.36 2.66 -8.38
CA THR B 191 14.35 3.06 -7.37
C THR B 191 13.46 1.82 -7.14
N ASP B 192 12.88 1.75 -5.97
CA ASP B 192 12.00 0.61 -5.60
C ASP B 192 11.32 0.89 -4.25
N SER B 193 10.46 -0.02 -3.87
CA SER B 193 9.72 0.05 -2.58
C SER B 193 10.66 -0.76 -1.66
N CYS B 194 10.47 -0.64 -0.38
CA CYS B 194 11.30 -1.38 0.59
C CYS B 194 10.47 -1.56 1.87
N GLN B 195 11.09 -2.13 2.84
CA GLN B 195 10.46 -2.39 4.15
C GLN B 195 9.83 -1.10 4.66
N GLY B 196 8.59 -1.17 5.07
CA GLY B 196 7.96 0.09 5.57
C GLY B 196 6.99 0.62 4.56
N ASP B 197 7.23 0.28 3.30
CA ASP B 197 6.30 0.74 2.21
C ASP B 197 5.20 -0.34 2.10
N SER B 198 5.48 -1.45 2.73
CA SER B 198 4.62 -2.66 2.81
C SER B 198 3.14 -2.25 3.04
N GLY B 199 2.20 -2.87 2.37
CA GLY B 199 0.76 -2.53 2.56
C GLY B 199 0.29 -1.34 1.72
N GLY B 200 1.22 -0.51 1.30
CA GLY B 200 0.83 0.67 0.50
C GLY B 200 0.49 0.39 -0.96
N PRO B 201 0.15 1.45 -1.65
CA PRO B 201 -0.39 1.32 -3.01
C PRO B 201 0.58 1.41 -4.19
N LEU B 202 0.17 0.75 -5.23
CA LEU B 202 0.87 0.68 -6.54
C LEU B 202 -0.34 1.27 -7.32
N VAL B 203 -0.23 2.49 -7.80
CA VAL B 203 -1.35 3.16 -8.56
C VAL B 203 -0.96 3.37 -10.05
N CYS B 204 -1.84 2.97 -10.92
CA CYS B 204 -1.59 3.11 -12.39
C CYS B 204 -2.85 3.69 -12.97
N SER B 205 -2.84 4.16 -14.17
CA SER B 205 -4.12 4.71 -14.70
C SER B 205 -4.71 3.57 -15.52
N LEU B 206 -5.95 3.25 -15.28
CA LEU B 206 -6.68 2.18 -16.00
C LEU B 206 -7.96 2.79 -16.51
N GLN B 207 -8.15 2.69 -17.77
CA GLN B 207 -9.39 3.24 -18.39
C GLN B 207 -9.69 4.67 -17.99
N GLY B 208 -8.64 5.44 -17.87
CA GLY B 208 -8.80 6.87 -17.50
C GLY B 208 -8.74 7.15 -16.01
N ARG B 209 -8.79 6.15 -15.17
CA ARG B 209 -8.75 6.40 -13.69
C ARG B 209 -7.46 5.98 -13.03
N MET B 210 -7.18 6.60 -11.92
CA MET B 210 -5.96 6.30 -11.14
C MET B 210 -6.61 5.18 -10.38
N THR B 211 -6.04 4.03 -10.57
CA THR B 211 -6.53 2.80 -9.93
C THR B 211 -5.49 2.11 -9.04
N LEU B 212 -6.00 1.53 -7.98
CA LEU B 212 -5.13 0.80 -7.02
C LEU B 212 -4.89 -0.54 -7.76
N THR B 213 -3.75 -0.70 -8.38
CA THR B 213 -3.44 -1.95 -9.12
C THR B 213 -2.74 -2.96 -8.20
N GLY B 214 -1.89 -2.53 -7.30
CA GLY B 214 -1.21 -3.53 -6.42
C GLY B 214 -1.01 -2.97 -5.00
N ILE B 215 -0.65 -3.87 -4.13
CA ILE B 215 -0.38 -3.56 -2.70
C ILE B 215 1.07 -3.99 -2.51
N VAL B 216 1.89 -3.14 -1.94
CA VAL B 216 3.31 -3.47 -1.70
C VAL B 216 3.32 -4.74 -0.82
N SER B 217 3.85 -5.82 -1.31
CA SER B 217 3.91 -7.10 -0.54
C SER B 217 5.34 -7.67 -0.23
N TRP B 218 6.09 -8.11 -1.21
CA TRP B 218 7.45 -8.66 -0.88
C TRP B 218 8.46 -8.49 -1.96
N GLY B 219 9.67 -8.83 -1.65
CA GLY B 219 10.74 -8.71 -2.68
C GLY B 219 12.04 -9.15 -2.04
N ARG B 220 13.02 -9.47 -2.83
CA ARG B 220 14.33 -9.90 -2.25
C ARG B 220 15.11 -8.58 -2.23
N GLY B 221 15.49 -8.18 -1.05
CA GLY B 221 16.23 -6.90 -0.92
C GLY B 221 15.28 -5.78 -1.39
N CYS B 222 15.90 -4.70 -1.69
CA CYS B 222 15.22 -3.50 -2.19
C CYS B 222 16.16 -2.99 -3.25
N ALA B 223 15.59 -2.66 -4.37
CA ALA B 223 16.29 -2.15 -5.57
C ALA B 223 17.45 -3.06 -5.96
N LEU B 224 17.21 -4.35 -5.96
CA LEU B 224 18.30 -5.31 -6.34
C LEU B 224 18.03 -5.75 -7.80
N LYS B 225 19.11 -5.85 -8.52
CA LYS B 225 19.01 -6.27 -9.94
C LYS B 225 18.32 -7.62 -10.00
N ASP B 226 17.44 -7.72 -10.95
CA ASP B 226 16.60 -8.91 -11.24
C ASP B 226 15.78 -9.40 -10.07
N LYS B 227 15.46 -8.49 -9.18
CA LYS B 227 14.65 -8.82 -7.96
C LYS B 227 13.60 -7.68 -7.92
N PRO B 228 12.57 -7.79 -8.74
CA PRO B 228 11.45 -6.82 -8.77
C PRO B 228 10.70 -6.75 -7.41
N GLY B 229 9.81 -5.84 -7.30
CA GLY B 229 9.03 -5.76 -6.03
C GLY B 229 7.83 -6.57 -6.49
N VAL B 230 7.21 -7.32 -5.60
CA VAL B 230 6.03 -8.14 -5.98
C VAL B 230 4.87 -7.51 -5.19
N TYR B 231 3.79 -7.32 -5.87
CA TYR B 231 2.56 -6.72 -5.31
C TYR B 231 1.35 -7.64 -5.42
N THR B 232 0.42 -7.48 -4.52
CA THR B 232 -0.83 -8.31 -4.53
C THR B 232 -1.61 -7.71 -5.74
N ARG B 233 -2.15 -8.59 -6.57
CA ARG B 233 -2.91 -8.20 -7.81
C ARG B 233 -4.35 -7.99 -7.37
N VAL B 234 -4.59 -6.79 -6.97
CA VAL B 234 -5.93 -6.37 -6.50
C VAL B 234 -7.10 -6.82 -7.42
N SER B 235 -6.96 -6.71 -8.71
CA SER B 235 -8.05 -7.11 -9.66
C SER B 235 -8.50 -8.57 -9.50
N HIS B 236 -7.67 -9.37 -8.88
CA HIS B 236 -8.03 -10.80 -8.70
C HIS B 236 -8.64 -11.02 -7.31
N PHE B 237 -8.78 -9.98 -6.53
CA PHE B 237 -9.37 -10.13 -5.18
C PHE B 237 -10.67 -9.40 -5.03
N LEU B 238 -11.14 -8.81 -6.09
CA LEU B 238 -12.44 -8.05 -6.01
C LEU B 238 -13.60 -8.82 -5.36
N PRO B 239 -13.86 -10.07 -5.69
CA PRO B 239 -14.94 -10.82 -4.98
C PRO B 239 -14.68 -10.76 -3.45
N TRP B 240 -13.49 -11.12 -3.06
CA TRP B 240 -13.12 -11.10 -1.61
C TRP B 240 -13.39 -9.70 -1.02
N ILE B 241 -12.92 -8.67 -1.68
CA ILE B 241 -13.15 -7.29 -1.15
C ILE B 241 -14.67 -7.09 -1.01
N ARG B 242 -15.35 -7.26 -2.10
CA ARG B 242 -16.83 -7.10 -2.14
C ARG B 242 -17.42 -7.85 -0.94
N SER B 243 -17.06 -9.09 -0.83
CA SER B 243 -17.56 -9.93 0.30
C SER B 243 -17.57 -9.20 1.64
N HIS B 244 -16.67 -8.27 1.85
CA HIS B 244 -16.64 -7.53 3.15
C HIS B 244 -17.00 -6.05 3.07
N THR B 245 -16.91 -5.48 1.91
CA THR B 245 -17.23 -4.04 1.73
C THR B 245 -18.52 -3.93 0.90
N LYS B 246 -19.61 -4.35 1.48
CA LYS B 246 -20.89 -4.25 0.71
C LYS B 246 -21.77 -3.09 1.27
#